data_1I93
#
_entry.id   1I93
#
_cell.length_a   1.000
_cell.length_b   1.000
_cell.length_c   1.000
_cell.angle_alpha   90.00
_cell.angle_beta   90.00
_cell.angle_gamma   90.00
#
_symmetry.space_group_name_H-M   'P 1'
#
_entity_poly.entity_id   1
_entity_poly.type   'polypeptide(L)'
_entity_poly.pdbx_seq_one_letter_code
;(ACE)CHWLRGDMRRC(NH2)
;
_entity_poly.pdbx_strand_id   A
#
loop_
_chem_comp.id
_chem_comp.type
_chem_comp.name
_chem_comp.formula
ACE non-polymer 'ACETYL GROUP' 'C2 H4 O'
NH2 non-polymer 'AMINO GROUP' 'H2 N'
#
# COMPACT_ATOMS: atom_id res chain seq x y z
C ACE A 1 -2.52 5.33 19.04
O ACE A 1 -2.53 5.27 17.82
CH3 ACE A 1 -1.21 5.58 19.79
H1 ACE A 1 -0.98 6.64 19.76
H2 ACE A 1 -0.42 5.02 19.33
H3 ACE A 1 -1.33 5.26 20.82
N CYS A 2 -3.61 5.18 19.74
CA CYS A 2 -4.91 4.94 19.05
C CYS A 2 -5.53 6.27 18.60
N HIS A 3 -4.75 7.16 18.09
CA HIS A 3 -5.29 8.48 17.62
C HIS A 3 -4.75 8.80 16.22
N TRP A 4 -5.20 8.09 15.22
CA TRP A 4 -4.72 8.37 13.82
C TRP A 4 -5.92 8.67 12.92
N LEU A 5 -6.76 9.59 13.33
CA LEU A 5 -7.94 9.93 12.49
C LEU A 5 -7.89 11.41 12.09
N ARG A 6 -6.80 11.85 11.52
CA ARG A 6 -6.69 13.29 11.10
C ARG A 6 -7.06 14.24 12.24
N GLY A 7 -6.95 13.79 13.47
CA GLY A 7 -7.30 14.69 14.61
C GLY A 7 -8.80 14.62 14.90
N ASP A 8 -9.42 13.53 14.55
CA ASP A 8 -10.89 13.39 14.81
C ASP A 8 -11.11 12.86 16.23
N MET A 9 -12.17 12.14 16.44
CA MET A 9 -12.46 11.62 17.81
C MET A 9 -11.52 10.44 18.13
N ARG A 10 -10.35 10.75 18.59
CA ARG A 10 -9.36 9.68 18.93
C ARG A 10 -9.58 9.21 20.37
N ARG A 11 -10.77 8.82 20.70
CA ARG A 11 -11.06 8.34 22.08
C ARG A 11 -10.55 6.90 22.24
N CYS A 12 -10.99 6.00 21.40
CA CYS A 12 -10.54 4.58 21.49
C CYS A 12 -10.82 4.03 22.89
N NH2 A 13 -12.00 3.58 23.17
HN1 NH2 A 13 -12.71 3.60 22.49
HN2 NH2 A 13 -12.19 3.23 24.06
C ACE A 1 0.03 -5.03 2.21
O ACE A 1 0.92 -4.29 2.60
CH3 ACE A 1 0.10 -6.54 2.42
H1 ACE A 1 0.96 -6.94 1.89
H2 ACE A 1 -0.79 -7.00 2.05
H3 ACE A 1 0.20 -6.75 3.48
N CYS A 2 -1.02 -4.55 1.59
CA CYS A 2 -1.16 -3.09 1.35
C CYS A 2 0.08 -2.55 0.63
N HIS A 3 0.32 -3.01 -0.58
CA HIS A 3 1.52 -2.53 -1.34
C HIS A 3 1.07 -1.88 -2.66
N TRP A 4 1.98 -1.20 -3.32
CA TRP A 4 1.63 -0.51 -4.61
C TRP A 4 2.36 -1.16 -5.80
N LEU A 5 1.79 -2.20 -6.37
CA LEU A 5 2.46 -2.86 -7.54
C LEU A 5 1.61 -2.73 -8.82
N ARG A 6 2.06 -1.94 -9.76
CA ARG A 6 1.33 -1.76 -11.06
C ARG A 6 -0.15 -1.44 -10.88
N GLY A 7 -0.54 -0.89 -9.76
CA GLY A 7 -1.98 -0.55 -9.56
C GLY A 7 -2.83 -1.83 -9.49
N ASP A 8 -2.34 -2.83 -8.81
CA ASP A 8 -3.12 -4.11 -8.69
C ASP A 8 -4.03 -4.07 -7.47
N MET A 9 -4.32 -5.20 -6.90
CA MET A 9 -5.23 -5.25 -5.71
C MET A 9 -4.45 -4.90 -4.43
N ARG A 10 -4.29 -3.62 -4.17
CA ARG A 10 -3.54 -3.20 -2.96
C ARG A 10 -4.43 -3.11 -1.71
N ARG A 11 -5.32 -4.04 -1.53
CA ARG A 11 -6.21 -4.00 -0.33
C ARG A 11 -5.55 -4.73 0.84
N CYS A 12 -5.67 -4.20 2.04
CA CYS A 12 -5.05 -4.87 3.23
C CYS A 12 -5.98 -4.77 4.44
N NH2 A 13 -6.19 -5.82 5.18
HN1 NH2 A 13 -5.75 -6.67 4.96
HN2 NH2 A 13 -6.79 -5.76 5.95
C ACE A 1 -16.80 -10.47 -20.68
O ACE A 1 -17.29 -9.80 -21.56
CH3 ACE A 1 -17.32 -10.38 -19.24
H1 ACE A 1 -18.39 -10.28 -19.25
H2 ACE A 1 -16.88 -9.53 -18.75
H3 ACE A 1 -17.05 -11.28 -18.70
N CYS A 2 -15.80 -11.27 -20.91
CA CYS A 2 -15.24 -11.41 -22.29
C CYS A 2 -14.78 -10.05 -22.81
N HIS A 3 -13.63 -9.59 -22.40
CA HIS A 3 -13.11 -8.27 -22.88
C HIS A 3 -11.82 -8.47 -23.69
N TRP A 4 -11.41 -7.49 -24.44
CA TRP A 4 -10.17 -7.63 -25.27
C TRP A 4 -8.93 -7.31 -24.43
N LEU A 5 -8.05 -8.27 -24.28
CA LEU A 5 -6.83 -8.02 -23.46
C LEU A 5 -5.65 -7.60 -24.36
N ARG A 6 -5.61 -6.36 -24.78
CA ARG A 6 -4.48 -5.87 -25.62
C ARG A 6 -4.10 -6.88 -26.73
N GLY A 7 -5.02 -7.69 -27.17
CA GLY A 7 -4.68 -8.66 -28.26
C GLY A 7 -4.50 -10.07 -27.67
N ASP A 8 -5.09 -10.36 -26.54
CA ASP A 8 -4.95 -11.72 -25.96
C ASP A 8 -6.01 -12.66 -26.54
N MET A 9 -6.05 -13.88 -26.10
CA MET A 9 -7.05 -14.86 -26.64
C MET A 9 -8.37 -14.80 -25.89
N ARG A 10 -8.84 -13.63 -25.55
CA ARG A 10 -10.14 -13.52 -24.82
C ARG A 10 -11.26 -13.15 -25.78
N ARG A 11 -11.25 -13.72 -26.95
CA ARG A 11 -12.32 -13.40 -27.95
C ARG A 11 -13.53 -14.33 -27.75
N CYS A 12 -13.87 -14.63 -26.52
CA CYS A 12 -15.05 -15.52 -26.25
C CYS A 12 -14.89 -16.83 -27.03
N NH2 A 13 -13.71 -17.39 -27.12
HN1 NH2 A 13 -12.94 -16.98 -26.69
HN2 NH2 A 13 -13.61 -18.23 -27.62
C ACE A 1 -2.89 0.06 4.01
O ACE A 1 -2.28 -0.85 3.48
CH3 ACE A 1 -4.43 0.06 4.07
H1 ACE A 1 -4.75 0.88 4.71
H2 ACE A 1 -4.78 -0.87 4.49
H3 ACE A 1 -4.84 0.19 3.08
N CYS A 2 -2.27 1.08 4.55
CA CYS A 2 -0.78 1.19 4.55
C CYS A 2 -0.15 0.56 3.28
N HIS A 3 -0.45 1.09 2.12
CA HIS A 3 0.12 0.50 0.87
C HIS A 3 1.63 0.79 0.81
N TRP A 4 2.41 -0.22 0.52
CA TRP A 4 3.89 -0.05 0.48
C TRP A 4 4.39 0.37 -0.89
N LEU A 5 3.71 1.28 -1.51
CA LEU A 5 4.17 1.73 -2.86
C LEU A 5 5.26 2.80 -2.72
N ARG A 6 6.18 2.82 -3.66
CA ARG A 6 7.29 3.84 -3.62
C ARG A 6 8.00 3.80 -2.27
N GLY A 7 7.94 2.68 -1.58
CA GLY A 7 8.63 2.58 -0.26
C GLY A 7 8.12 3.67 0.69
N ASP A 8 6.84 3.91 0.70
CA ASP A 8 6.28 4.96 1.61
C ASP A 8 6.11 4.40 3.03
N MET A 9 5.35 5.06 3.85
CA MET A 9 5.18 4.59 5.26
C MET A 9 4.48 3.23 5.26
N ARG A 10 5.25 2.17 5.18
CA ARG A 10 4.65 0.80 5.17
C ARG A 10 4.51 0.27 6.59
N ARG A 11 3.95 1.06 7.47
CA ARG A 11 3.77 0.59 8.87
C ARG A 11 2.43 -0.16 9.01
N CYS A 12 2.35 -1.34 8.47
CA CYS A 12 1.07 -2.12 8.58
C CYS A 12 1.02 -2.87 9.91
N NH2 A 13 2.03 -3.61 10.27
HN1 NH2 A 13 2.82 -3.68 9.69
HN2 NH2 A 13 2.01 -4.08 11.11
C ACE A 1 -1.63 14.25 -3.07
O ACE A 1 -1.49 13.83 -4.20
CH3 ACE A 1 -1.00 15.58 -2.64
H1 ACE A 1 0.04 15.41 -2.36
H2 ACE A 1 -1.54 15.97 -1.79
H3 ACE A 1 -1.04 16.28 -3.46
N CYS A 2 -2.33 13.61 -2.17
CA CYS A 2 -2.99 12.29 -2.49
C CYS A 2 -1.95 11.25 -2.93
N HIS A 3 -2.00 10.09 -2.34
CA HIS A 3 -1.03 9.01 -2.71
C HIS A 3 -1.60 8.15 -3.84
N TRP A 4 -1.10 6.96 -4.01
CA TRP A 4 -1.60 6.08 -5.11
C TRP A 4 -2.92 5.39 -4.70
N LEU A 5 -3.89 5.41 -5.57
CA LEU A 5 -5.19 4.76 -5.25
C LEU A 5 -5.28 3.36 -5.88
N ARG A 6 -4.28 2.95 -6.62
CA ARG A 6 -4.33 1.60 -7.25
C ARG A 6 -5.63 1.41 -8.05
N GLY A 7 -6.28 2.47 -8.43
CA GLY A 7 -7.55 2.34 -9.21
C GLY A 7 -8.68 1.92 -8.25
N ASP A 8 -8.51 2.18 -6.98
CA ASP A 8 -9.56 1.79 -5.99
C ASP A 8 -10.29 3.01 -5.43
N MET A 9 -10.71 2.92 -4.20
CA MET A 9 -11.45 4.06 -3.58
C MET A 9 -10.47 5.19 -3.27
N ARG A 10 -10.27 6.07 -4.22
CA ARG A 10 -9.34 7.20 -4.02
C ARG A 10 -10.07 8.34 -3.31
N ARG A 11 -10.64 8.07 -2.18
CA ARG A 11 -11.38 9.12 -1.42
C ARG A 11 -10.38 10.10 -0.79
N CYS A 12 -9.89 11.03 -1.57
CA CYS A 12 -8.91 12.01 -1.03
C CYS A 12 -9.63 13.26 -0.53
N NH2 A 13 -9.45 13.66 0.71
HN1 NH2 A 13 -8.86 13.15 1.30
HN2 NH2 A 13 -9.91 14.46 1.03
C ACE A 1 4.33 4.80 -3.40
O ACE A 1 3.69 4.03 -4.10
CH3 ACE A 1 4.44 4.59 -1.89
H1 ACE A 1 4.64 3.55 -1.68
H2 ACE A 1 3.52 4.88 -1.41
H3 ACE A 1 5.26 5.19 -1.50
N CYS A 2 4.95 5.83 -3.92
CA CYS A 2 4.87 6.10 -5.39
C CYS A 2 5.89 5.23 -6.14
N HIS A 3 5.51 4.72 -7.29
CA HIS A 3 6.44 3.86 -8.06
C HIS A 3 7.31 4.70 -9.01
N TRP A 4 8.27 4.09 -9.64
CA TRP A 4 9.17 4.84 -10.57
C TRP A 4 8.50 5.00 -11.94
N LEU A 5 9.19 5.60 -12.86
CA LEU A 5 8.61 5.80 -14.21
C LEU A 5 8.63 4.48 -14.97
N ARG A 6 9.78 3.87 -15.06
CA ARG A 6 9.93 2.57 -15.78
C ARG A 6 9.02 2.51 -17.02
N GLY A 7 8.98 3.58 -17.77
CA GLY A 7 8.12 3.60 -18.98
C GLY A 7 7.25 4.86 -18.97
N ASP A 8 6.51 5.06 -17.91
CA ASP A 8 5.64 6.27 -17.81
C ASP A 8 6.43 7.45 -17.23
N MET A 9 5.77 8.57 -17.06
CA MET A 9 6.47 9.76 -16.48
C MET A 9 6.14 9.91 -14.99
N ARG A 10 6.26 8.85 -14.24
CA ARG A 10 5.95 8.94 -12.78
C ARG A 10 7.20 9.27 -11.98
N ARG A 11 7.79 10.39 -12.25
CA ARG A 11 9.02 10.79 -11.51
C ARG A 11 8.67 11.27 -10.10
N CYS A 12 8.46 10.33 -9.19
CA CYS A 12 8.11 10.71 -7.79
C CYS A 12 9.38 10.88 -6.95
N NH2 A 13 10.39 11.53 -7.45
HN1 NH2 A 13 10.34 11.91 -8.35
HN2 NH2 A 13 11.21 11.64 -6.92
C ACE A 1 -1.16 4.10 7.69
O ACE A 1 -1.08 2.96 8.07
CH3 ACE A 1 -0.41 5.23 8.40
H1 ACE A 1 -1.07 6.08 8.54
H2 ACE A 1 0.44 5.54 7.79
H3 ACE A 1 -0.05 4.88 9.35
N CYS A 2 -1.89 4.43 6.65
CA CYS A 2 -2.65 3.38 5.92
C CYS A 2 -2.95 3.82 4.49
N HIS A 3 -1.94 4.10 3.70
CA HIS A 3 -2.17 4.53 2.30
C HIS A 3 -2.14 3.33 1.36
N TRP A 4 -2.87 2.30 1.68
CA TRP A 4 -2.90 1.08 0.80
C TRP A 4 -4.33 0.75 0.40
N LEU A 5 -4.86 1.44 -0.57
CA LEU A 5 -6.25 1.16 -1.02
C LEU A 5 -6.26 0.66 -2.47
N ARG A 6 -6.51 1.53 -3.41
CA ARG A 6 -6.53 1.12 -4.84
C ARG A 6 -7.44 -0.10 -5.05
N GLY A 7 -8.39 -0.32 -4.19
CA GLY A 7 -9.29 -1.49 -4.39
C GLY A 7 -9.68 -2.14 -3.05
N ASP A 8 -8.79 -2.19 -2.11
CA ASP A 8 -9.12 -2.83 -0.81
C ASP A 8 -9.89 -1.86 0.09
N MET A 9 -9.77 -2.00 1.37
CA MET A 9 -10.52 -1.10 2.30
C MET A 9 -9.92 0.30 2.26
N ARG A 10 -10.43 1.11 1.36
CA ARG A 10 -9.94 2.50 1.24
C ARG A 10 -10.67 3.41 2.21
N ARG A 11 -10.68 3.08 3.47
CA ARG A 11 -11.38 3.94 4.47
C ARG A 11 -10.53 5.16 4.82
N CYS A 12 -9.23 5.02 4.72
CA CYS A 12 -8.33 6.17 5.04
C CYS A 12 -7.29 6.34 3.94
N NH2 A 13 -6.30 7.18 4.11
HN1 NH2 A 13 -6.24 7.69 4.94
HN2 NH2 A 13 -5.63 7.29 3.40
C ACE A 1 -28.24 22.94 -2.87
O ACE A 1 -28.21 23.58 -1.84
CH3 ACE A 1 -29.16 21.73 -3.02
H1 ACE A 1 -29.94 21.96 -3.74
H2 ACE A 1 -29.62 21.50 -2.07
H3 ACE A 1 -28.59 20.88 -3.36
N CYS A 2 -27.49 23.26 -3.89
CA CYS A 2 -26.57 24.43 -3.81
C CYS A 2 -25.66 24.32 -2.58
N HIS A 3 -25.44 23.13 -2.10
CA HIS A 3 -24.55 22.96 -0.90
C HIS A 3 -23.53 21.86 -1.19
N TRP A 4 -23.02 21.81 -2.37
CA TRP A 4 -22.02 20.75 -2.70
C TRP A 4 -20.58 21.22 -2.45
N LEU A 5 -20.35 21.84 -1.34
CA LEU A 5 -18.97 22.30 -1.03
C LEU A 5 -18.29 21.32 -0.05
N ARG A 6 -18.45 20.04 -0.26
CA ARG A 6 -17.82 19.04 0.65
C ARG A 6 -18.22 19.32 2.12
N GLY A 7 -19.30 20.01 2.33
CA GLY A 7 -19.74 20.30 3.74
C GLY A 7 -19.08 21.59 4.25
N ASP A 8 -18.89 22.55 3.39
CA ASP A 8 -18.24 23.82 3.85
C ASP A 8 -19.24 24.97 3.86
N MET A 9 -18.77 26.18 3.69
CA MET A 9 -19.68 27.35 3.74
C MET A 9 -20.58 27.32 2.50
N ARG A 10 -21.72 26.71 2.63
CA ARG A 10 -22.67 26.61 1.48
C ARG A 10 -23.56 27.85 1.38
N ARG A 11 -22.97 29.02 1.45
CA ARG A 11 -23.79 30.26 1.36
C ARG A 11 -24.08 30.59 -0.12
N CYS A 12 -25.28 30.33 -0.57
CA CYS A 12 -25.61 30.63 -2.00
C CYS A 12 -26.04 32.09 -2.16
N NH2 A 13 -25.98 32.65 -3.32
HN1 NH2 A 13 -25.66 32.14 -4.10
HN2 NH2 A 13 -26.25 33.59 -3.43
C ACE A 1 11.01 -10.45 3.15
O ACE A 1 11.94 -9.69 3.23
CH3 ACE A 1 9.74 -10.26 3.99
H1 ACE A 1 8.96 -10.91 3.61
H2 ACE A 1 9.42 -9.23 3.93
H3 ACE A 1 9.95 -10.51 5.01
N CYS A 2 11.02 -11.47 2.34
CA CYS A 2 12.21 -11.75 1.47
C CYS A 2 11.72 -12.28 0.13
N HIS A 3 10.86 -11.54 -0.51
CA HIS A 3 10.33 -11.99 -1.82
C HIS A 3 11.37 -11.68 -2.90
N TRP A 4 11.17 -12.17 -4.09
CA TRP A 4 12.17 -11.92 -5.15
C TRP A 4 11.62 -10.95 -6.21
N LEU A 5 12.39 -10.72 -7.25
CA LEU A 5 11.95 -9.78 -8.31
C LEU A 5 11.04 -10.51 -9.30
N ARG A 6 10.10 -9.80 -9.89
CA ARG A 6 9.18 -10.45 -10.87
C ARG A 6 8.51 -11.69 -10.27
N GLY A 7 8.44 -11.77 -8.96
CA GLY A 7 7.80 -12.95 -8.32
C GLY A 7 8.44 -14.24 -8.86
N ASP A 8 9.72 -14.23 -9.07
CA ASP A 8 10.39 -15.45 -9.60
C ASP A 8 10.56 -16.48 -8.49
N MET A 9 11.51 -17.36 -8.63
CA MET A 9 11.72 -18.39 -7.58
C MET A 9 12.26 -17.74 -6.31
N ARG A 10 11.38 -17.31 -5.46
CA ARG A 10 11.80 -16.66 -4.20
C ARG A 10 11.99 -17.71 -3.11
N ARG A 11 12.84 -18.66 -3.35
CA ARG A 11 13.07 -19.72 -2.33
C ARG A 11 13.81 -19.12 -1.14
N CYS A 12 13.08 -18.72 -0.13
CA CYS A 12 13.74 -18.10 1.05
C CYS A 12 14.18 -19.18 2.04
N NH2 A 13 13.51 -20.30 2.09
HN1 NH2 A 13 12.74 -20.43 1.50
HN2 NH2 A 13 13.79 -21.01 2.70
C ACE A 1 3.64 19.19 0.46
O ACE A 1 3.68 20.25 -0.16
CH3 ACE A 1 2.30 18.56 0.83
H1 ACE A 1 1.66 18.52 -0.04
H2 ACE A 1 1.82 19.14 1.60
H3 ACE A 1 2.48 17.56 1.19
N CYS A 2 4.73 18.58 0.83
CA CYS A 2 6.07 19.16 0.49
C CYS A 2 7.15 18.07 0.58
N HIS A 3 7.34 17.31 -0.48
CA HIS A 3 8.39 16.24 -0.46
C HIS A 3 9.26 16.31 -1.71
N TRP A 4 10.18 15.39 -1.86
CA TRP A 4 11.09 15.38 -3.04
C TRP A 4 10.43 14.65 -4.22
N LEU A 5 9.98 15.40 -5.20
CA LEU A 5 9.33 14.77 -6.39
C LEU A 5 10.09 15.08 -7.68
N ARG A 6 10.12 14.14 -8.59
CA ARG A 6 10.83 14.35 -9.89
C ARG A 6 12.26 14.84 -9.68
N GLY A 7 12.82 14.61 -8.50
CA GLY A 7 14.22 15.05 -8.24
C GLY A 7 14.39 16.54 -8.53
N ASP A 8 13.32 17.28 -8.55
CA ASP A 8 13.43 18.75 -8.82
C ASP A 8 13.52 19.54 -7.51
N MET A 9 13.97 20.76 -7.56
CA MET A 9 14.06 21.58 -6.31
C MET A 9 12.68 22.14 -5.99
N ARG A 10 11.87 21.35 -5.33
CA ARG A 10 10.49 21.80 -4.98
C ARG A 10 10.50 22.63 -3.70
N ARG A 11 11.33 23.63 -3.64
CA ARG A 11 11.39 24.51 -2.42
C ARG A 11 11.87 23.71 -1.20
N CYS A 12 11.02 22.91 -0.62
CA CYS A 12 11.45 22.12 0.58
C CYS A 12 12.11 20.81 0.14
N NH2 A 13 13.08 20.84 -0.72
HN1 NH2 A 13 13.39 21.70 -1.09
HN2 NH2 A 13 13.51 20.00 -1.01
C ACE A 1 17.30 -37.31 24.18
O ACE A 1 16.46 -37.95 23.59
CH3 ACE A 1 18.78 -37.66 24.08
H1 ACE A 1 19.15 -37.42 23.10
H2 ACE A 1 18.91 -38.72 24.27
H3 ACE A 1 19.34 -37.09 24.82
N CYS A 2 16.98 -36.28 24.92
CA CYS A 2 15.54 -35.88 25.05
C CYS A 2 15.15 -34.98 23.88
N HIS A 3 14.23 -35.43 23.06
CA HIS A 3 13.80 -34.63 21.86
C HIS A 3 12.54 -33.79 22.17
N TRP A 4 12.65 -32.49 22.16
CA TRP A 4 11.46 -31.62 22.45
C TRP A 4 10.91 -31.04 21.14
N LEU A 5 10.73 -31.87 20.14
CA LEU A 5 10.21 -31.37 18.83
C LEU A 5 8.68 -31.46 18.76
N ARG A 6 8.05 -30.41 18.28
CA ARG A 6 6.56 -30.39 18.12
C ARG A 6 5.83 -30.94 19.35
N GLY A 7 6.39 -30.85 20.51
CA GLY A 7 5.67 -31.36 21.72
C GLY A 7 5.48 -32.88 21.61
N ASP A 8 6.53 -33.59 21.30
CA ASP A 8 6.40 -35.07 21.19
C ASP A 8 6.53 -35.71 22.56
N MET A 9 6.79 -36.98 22.60
CA MET A 9 6.92 -37.68 23.92
C MET A 9 8.34 -37.45 24.48
N ARG A 10 8.55 -36.33 25.11
CA ARG A 10 9.89 -36.02 25.68
C ARG A 10 10.03 -36.64 27.07
N ARG A 11 9.80 -37.90 27.19
CA ARG A 11 9.91 -38.56 28.52
C ARG A 11 11.39 -38.68 28.89
N CYS A 12 11.94 -37.64 29.48
CA CYS A 12 13.39 -37.67 29.86
C CYS A 12 13.59 -36.96 31.20
N NH2 A 13 14.38 -37.49 32.09
HN1 NH2 A 13 14.83 -38.33 31.90
HN2 NH2 A 13 14.51 -37.04 32.95
C ACE A 1 7.14 27.63 9.74
O ACE A 1 7.25 27.45 8.54
CH3 ACE A 1 8.29 28.22 10.55
H1 ACE A 1 8.87 28.90 9.93
H2 ACE A 1 8.93 27.42 10.89
H3 ACE A 1 7.90 28.75 11.40
N CYS A 2 6.03 27.35 10.38
CA CYS A 2 4.87 26.77 9.64
C CYS A 2 5.32 25.56 8.82
N HIS A 3 6.04 24.66 9.44
CA HIS A 3 6.53 23.44 8.72
C HIS A 3 5.48 22.31 8.82
N TRP A 4 5.25 21.61 7.74
CA TRP A 4 4.22 20.52 7.78
C TRP A 4 4.85 19.17 8.18
N LEU A 5 4.40 18.61 9.27
CA LEU A 5 4.96 17.29 9.71
C LEU A 5 3.82 16.25 9.76
N ARG A 6 3.17 16.01 8.65
CA ARG A 6 2.06 15.01 8.62
C ARG A 6 1.01 15.30 9.72
N GLY A 7 0.97 16.50 10.23
CA GLY A 7 -0.04 16.81 11.29
C GLY A 7 0.62 16.77 12.67
N ASP A 8 1.88 17.09 12.75
CA ASP A 8 2.56 17.10 14.07
C ASP A 8 2.33 18.42 14.79
N MET A 9 3.28 18.83 15.57
CA MET A 9 3.12 20.12 16.32
C MET A 9 3.37 21.30 15.38
N ARG A 10 2.36 21.69 14.65
CA ARG A 10 2.48 22.83 13.71
C ARG A 10 2.21 24.15 14.42
N ARG A 11 2.92 24.41 15.48
CA ARG A 11 2.69 25.69 16.21
C ARG A 11 3.25 26.86 15.39
N CYS A 12 2.38 27.62 14.78
CA CYS A 12 2.84 28.76 13.93
C CYS A 12 1.91 29.96 14.15
N NH2 A 13 2.39 31.17 13.93
HN1 NH2 A 13 3.31 31.28 13.63
HN2 NH2 A 13 1.81 31.94 14.07
C ACE A 1 -2.00 -2.10 1.19
O ACE A 1 -1.89 -3.31 1.17
CH3 ACE A 1 -1.09 -1.23 2.04
H1 ACE A 1 -0.86 -0.31 1.51
H2 ACE A 1 -0.17 -1.76 2.24
H3 ACE A 1 -1.58 -0.99 2.97
N CYS A 2 -2.93 -1.50 0.49
CA CYS A 2 -3.86 -2.29 -0.37
C CYS A 2 -4.47 -1.40 -1.46
N HIS A 3 -3.78 -0.37 -1.86
CA HIS A 3 -4.31 0.54 -2.92
C HIS A 3 -3.26 0.79 -4.01
N TRP A 4 -2.68 -0.26 -4.53
CA TRP A 4 -1.64 -0.09 -5.60
C TRP A 4 -2.30 -0.03 -6.99
N LEU A 5 -3.32 0.77 -7.13
CA LEU A 5 -4.00 0.86 -8.46
C LEU A 5 -3.52 2.09 -9.25
N ARG A 6 -2.45 2.72 -8.81
CA ARG A 6 -1.91 3.91 -9.55
C ARG A 6 -2.94 5.05 -9.62
N GLY A 7 -3.99 4.99 -8.86
CA GLY A 7 -5.02 6.08 -8.90
C GLY A 7 -6.34 5.56 -9.47
N ASP A 8 -6.47 4.26 -9.60
CA ASP A 8 -7.74 3.70 -10.14
C ASP A 8 -8.74 3.50 -9.01
N MET A 9 -9.59 2.52 -9.11
CA MET A 9 -10.59 2.28 -8.04
C MET A 9 -9.90 1.62 -6.84
N ARG A 10 -9.09 2.37 -6.13
CA ARG A 10 -8.37 1.81 -4.95
C ARG A 10 -9.24 1.91 -3.69
N ARG A 11 -10.46 1.46 -3.79
CA ARG A 11 -11.36 1.52 -2.60
C ARG A 11 -11.08 0.35 -1.65
N CYS A 12 -10.22 0.55 -0.70
CA CYS A 12 -9.90 -0.55 0.27
C CYS A 12 -10.87 -0.51 1.45
N NH2 A 13 -11.01 -1.56 2.20
HN1 NH2 A 13 -10.50 -2.38 1.99
HN2 NH2 A 13 -11.62 -1.55 2.96
C ACE A 1 5.75 6.33 8.01
O ACE A 1 6.73 6.16 7.30
CH3 ACE A 1 5.68 7.53 8.97
H1 ACE A 1 5.57 8.43 8.40
H2 ACE A 1 6.58 7.57 9.57
H3 ACE A 1 4.82 7.40 9.62
N CYS A 2 4.74 5.51 7.99
CA CYS A 2 4.76 4.33 7.08
C CYS A 2 4.31 4.74 5.67
N HIS A 3 4.96 4.21 4.66
CA HIS A 3 4.60 4.56 3.25
C HIS A 3 3.95 3.36 2.56
N TRP A 4 4.01 3.33 1.26
CA TRP A 4 3.39 2.23 0.48
C TRP A 4 4.28 0.99 0.50
N LEU A 5 4.21 0.20 1.56
CA LEU A 5 5.06 -1.03 1.63
C LEU A 5 4.22 -2.32 1.58
N ARG A 6 4.61 -3.23 0.73
CA ARG A 6 3.91 -4.56 0.61
C ARG A 6 2.38 -4.44 0.67
N GLY A 7 1.78 -3.58 -0.09
CA GLY A 7 0.28 -3.48 -0.06
C GLY A 7 -0.18 -2.66 1.15
N ASP A 8 0.42 -2.85 2.29
CA ASP A 8 -0.01 -2.08 3.49
C ASP A 8 0.66 -0.71 3.48
N MET A 9 -0.08 0.34 3.21
CA MET A 9 0.56 1.69 3.18
C MET A 9 0.67 2.26 4.59
N ARG A 10 0.00 1.66 5.54
CA ARG A 10 0.09 2.14 6.94
C ARG A 10 0.57 1.02 7.85
N ARG A 11 1.55 0.28 7.42
CA ARG A 11 2.07 -0.85 8.24
C ARG A 11 3.08 -0.35 9.27
N CYS A 12 2.62 0.22 10.35
CA CYS A 12 3.55 0.71 11.40
C CYS A 12 3.65 -0.31 12.53
N NH2 A 13 4.46 -0.08 13.53
HN1 NH2 A 13 5.01 0.73 13.54
HN2 NH2 A 13 4.54 -0.74 14.26
C ACE A 1 11.81 -26.32 9.80
O ACE A 1 10.93 -26.27 8.95
CH3 ACE A 1 11.59 -25.73 11.19
H1 ACE A 1 11.82 -24.67 11.16
H2 ACE A 1 12.23 -26.22 11.89
H3 ACE A 1 10.55 -25.86 11.48
N CYS A 2 12.97 -26.86 9.55
CA CYS A 2 13.27 -27.44 8.20
C CYS A 2 13.14 -26.33 7.15
N HIS A 3 13.88 -26.40 6.10
CA HIS A 3 13.82 -25.32 5.07
C HIS A 3 12.66 -25.57 4.11
N TRP A 4 12.65 -24.90 2.99
CA TRP A 4 11.52 -25.10 2.03
C TRP A 4 11.73 -26.38 1.23
N LEU A 5 10.69 -26.87 0.62
CA LEU A 5 10.79 -28.13 -0.17
C LEU A 5 10.60 -27.86 -1.67
N ARG A 6 9.43 -28.16 -2.19
CA ARG A 6 9.16 -27.92 -3.63
C ARG A 6 10.25 -28.54 -4.51
N GLY A 7 10.74 -29.70 -4.14
CA GLY A 7 11.79 -30.36 -4.97
C GLY A 7 12.96 -30.81 -4.08
N ASP A 8 13.20 -30.13 -2.99
CA ASP A 8 14.33 -30.54 -2.11
C ASP A 8 13.88 -31.66 -1.17
N MET A 9 14.53 -31.80 -0.06
CA MET A 9 14.15 -32.87 0.90
C MET A 9 12.89 -32.45 1.65
N ARG A 10 11.74 -32.75 1.09
CA ARG A 10 10.45 -32.36 1.74
C ARG A 10 10.05 -33.34 2.86
N ARG A 11 10.99 -33.76 3.66
CA ARG A 11 10.67 -34.69 4.78
C ARG A 11 10.44 -33.91 6.08
N CYS A 12 9.63 -32.89 6.07
CA CYS A 12 9.40 -32.10 7.33
C CYS A 12 8.22 -32.71 8.11
N NH2 A 13 7.22 -33.26 7.47
HN1 NH2 A 13 7.23 -33.29 6.49
HN2 NH2 A 13 6.48 -33.65 7.97
#